data_3SE4
#
_entry.id   3SE4
#
_cell.length_a   93.490
_cell.length_b   93.490
_cell.length_c   403.130
_cell.angle_alpha   90.00
_cell.angle_beta   90.00
_cell.angle_gamma   120.00
#
_symmetry.space_group_name_H-M   'P 61 2 2'
#
loop_
_entity.id
_entity.type
_entity.pdbx_description
1 polymer 'Interferon alpha/beta receptor 1'
2 polymer 'Interferon omega-1'
3 polymer 'Interferon alpha/beta receptor 2'
4 non-polymer 2-acetamido-2-deoxy-beta-D-glucopyranose
#
loop_
_entity_poly.entity_id
_entity_poly.type
_entity_poly.pdbx_seq_one_letter_code
_entity_poly.pdbx_strand_id
1 'polypeptide(L)'
;ADLGSKNLKSPQKVEVDIIDDNFILRWNRSDESVGNVTFSFDYQKTGMDNWIKLSGCQNITSTKCNFSSLKLNVYEEIKL
RIRAEKENTSSWYEVDSFTPFRKAQIGPPEVHLEAEDKAIVIHISPGTKDSVMWALDGLSFTYSLVIWKNSSGVEERIEN
IYSRHKIYKLSPETTYCLKVKAALLTSWKIGVYSPVHCIKTTVENELPPPENIEVSVQNQNYVLKWDYTYANMTFQVQWL
HAFLKRNPGNHLYKWKQIPDCENVKTTQCVFPQNVFQKGIYLLRVQASDGNNTSFWSEEIKFDTEIQAFLLPPVFNIRSL
SDSFHIYIGAPKQSGNTPVIQDYPLIYEIIFWENTSNAERKIIEKKTDVTVPNLKPLTVYCVKARAHTMDEKLNKSSVFS
DAVCEKTKPGNTSK
;
A
2 'polypeptide(L)'
;ADPLGCDLPQNHGLLSRNTLVLLHQMRRISPFLCLKDRRDFRFPQEMVKGSQLQKAHVMSVLHEMLQQIFSLFHTERSSA
AWQMTLLDQLHTGLHQQLQHLETCLLQVVGEGESAGAISSPALTLRRYFQGIRVYLKEKKYSDCAWEVVRMEIMKSLFLS
TNMQERLRSKDRDLGSS
;
B
3 'polypeptide(L)'
;YTDESCTFKISLRNFRSILSWELKNHSIVPTHYTLLYTIMSKPEDLKVVKNCANTTRSFCDLTDEWRSTHEAYVTVLEGF
SGNTTLFSCSHNFWLAIDMSFEPPEFEIVGFTNHINVMVKFPSIVEEELQFDLSLVIEEQSEGIVKKHKPEIKGNMSGNF
TYIIDKLIPNTNYCVSVYLEHSDEQAVIKSPLKCTLLPP
;
C
#
# COMPACT_ATOMS: atom_id res chain seq x y z
N PRO A 11 -47.87 1.75 7.72
CA PRO A 11 -47.19 1.40 6.47
C PRO A 11 -46.52 0.02 6.47
N GLN A 12 -46.85 -0.78 5.46
CA GLN A 12 -46.36 -2.15 5.33
C GLN A 12 -44.91 -2.18 4.84
N LYS A 13 -44.08 -2.93 5.56
CA LYS A 13 -42.66 -3.06 5.22
C LYS A 13 -42.38 -3.76 3.89
N VAL A 14 -41.93 -2.99 2.89
CA VAL A 14 -41.48 -3.52 1.60
C VAL A 14 -39.97 -3.72 1.63
N GLU A 15 -39.49 -4.82 1.04
CA GLU A 15 -38.05 -5.14 1.02
C GLU A 15 -37.39 -4.76 -0.29
N VAL A 16 -36.23 -4.09 -0.24
CA VAL A 16 -35.53 -3.74 -1.48
C VAL A 16 -34.13 -4.38 -1.63
N ASP A 17 -33.79 -4.74 -2.85
CA ASP A 17 -32.50 -5.35 -3.13
C ASP A 17 -31.71 -4.40 -4.01
N ILE A 18 -30.47 -4.14 -3.63
CA ILE A 18 -29.61 -3.30 -4.45
C ILE A 18 -28.44 -3.84 -5.23
N ILE A 19 -28.45 -3.60 -6.54
CA ILE A 19 -27.39 -4.08 -7.41
C ILE A 19 -26.78 -2.82 -8.00
N ASP A 20 -25.48 -2.66 -7.91
CA ASP A 20 -24.86 -1.47 -8.46
C ASP A 20 -25.38 -0.23 -7.77
N ASP A 21 -25.88 0.73 -8.55
CA ASP A 21 -26.34 2.00 -8.00
C ASP A 21 -27.87 2.00 -7.90
N ASN A 22 -28.52 0.90 -8.19
CA ASN A 22 -29.95 0.96 -8.17
C ASN A 22 -30.66 0.24 -7.07
N PHE A 23 -31.90 0.63 -6.83
CA PHE A 23 -32.73 0.01 -5.82
C PHE A 23 -33.81 -0.72 -6.57
N ILE A 24 -33.99 -2.01 -6.34
CA ILE A 24 -35.07 -2.66 -7.03
C ILE A 24 -36.13 -3.13 -6.08
N LEU A 25 -37.31 -2.58 -6.24
CA LEU A 25 -38.37 -3.08 -5.38
C LEU A 25 -38.87 -4.40 -5.94
N ARG A 26 -39.25 -5.33 -5.06
CA ARG A 26 -39.88 -6.56 -5.52
C ARG A 26 -40.41 -7.34 -4.34
N VAL A 37 -49.55 1.94 -10.61
CA VAL A 37 -49.15 2.93 -9.61
C VAL A 37 -47.97 3.76 -10.10
N THR A 38 -47.55 4.71 -9.28
CA THR A 38 -46.29 5.46 -9.50
C THR A 38 -45.66 5.84 -8.16
N PHE A 39 -44.34 5.85 -8.10
CA PHE A 39 -43.68 5.90 -6.81
C PHE A 39 -42.86 7.16 -6.54
N SER A 40 -42.65 7.42 -5.25
CA SER A 40 -41.75 8.48 -4.78
C SER A 40 -40.86 7.90 -3.68
N PHE A 41 -39.55 8.00 -3.84
CA PHE A 41 -38.59 7.48 -2.86
C PHE A 41 -37.96 8.50 -1.93
N ASP A 42 -37.95 8.18 -0.64
CA ASP A 42 -37.35 9.00 0.40
C ASP A 42 -36.52 8.18 1.35
N TYR A 43 -35.54 8.80 2.01
CA TYR A 43 -34.69 8.05 2.94
C TYR A 43 -34.30 8.85 4.17
N GLN A 44 -34.07 8.15 5.28
CA GLN A 44 -33.67 8.79 6.52
C GLN A 44 -32.42 8.15 7.11
N LYS A 45 -31.46 8.97 7.50
CA LYS A 45 -30.22 8.47 8.09
C LYS A 45 -30.49 7.98 9.49
N THR A 46 -29.59 7.17 10.03
CA THR A 46 -29.78 6.64 11.39
C THR A 46 -29.86 7.80 12.34
N GLY A 47 -30.74 7.70 13.33
CA GLY A 47 -30.89 8.78 14.29
C GLY A 47 -31.81 9.66 13.49
N MET A 48 -32.64 9.00 12.70
CA MET A 48 -33.63 9.74 11.90
C MET A 48 -34.64 10.71 12.39
N ASP A 49 -34.56 11.95 11.94
CA ASP A 49 -35.42 13.01 12.41
C ASP A 49 -36.10 13.64 11.21
N ASN A 50 -35.45 13.49 10.05
CA ASN A 50 -35.95 14.03 8.79
C ASN A 50 -35.83 13.09 7.60
N TRP A 51 -36.65 13.33 6.56
CA TRP A 51 -36.65 12.53 5.34
C TRP A 51 -36.20 13.30 4.11
N ILE A 52 -35.25 12.75 3.37
CA ILE A 52 -34.72 13.39 2.16
C ILE A 52 -35.35 12.87 0.88
N LYS A 53 -35.64 13.77 -0.05
CA LYS A 53 -36.25 13.36 -1.31
C LYS A 53 -35.23 12.87 -2.32
N LEU A 54 -35.34 11.61 -2.73
CA LEU A 54 -34.46 11.06 -3.78
C LEU A 54 -34.95 11.59 -5.12
N SER A 55 -34.16 12.46 -5.73
CA SER A 55 -34.51 13.04 -7.02
C SER A 55 -34.42 11.98 -8.09
N GLY A 56 -35.30 12.05 -9.07
CA GLY A 56 -35.30 11.09 -10.15
C GLY A 56 -35.96 9.82 -9.70
N CYS A 57 -36.34 9.81 -8.43
CA CYS A 57 -36.99 8.67 -7.83
C CYS A 57 -38.40 9.04 -7.33
N GLN A 58 -38.96 10.13 -7.84
CA GLN A 58 -40.26 10.59 -7.38
C GLN A 58 -41.31 10.66 -8.47
N ASN A 59 -42.48 10.10 -8.18
CA ASN A 59 -43.58 10.10 -9.13
C ASN A 59 -43.17 9.45 -10.44
N ILE A 60 -42.52 8.30 -10.33
CA ILE A 60 -42.05 7.54 -11.47
C ILE A 60 -42.71 6.19 -11.53
N THR A 61 -43.06 5.75 -12.73
CA THR A 61 -43.70 4.48 -12.91
C THR A 61 -42.80 3.32 -12.50
N SER A 62 -41.53 3.39 -12.90
CA SER A 62 -40.58 2.34 -12.58
C SER A 62 -40.17 2.17 -11.14
N THR A 63 -40.07 0.91 -10.74
CA THR A 63 -39.69 0.50 -9.40
C THR A 63 -38.25 0.77 -9.01
N LYS A 64 -37.35 0.64 -9.98
CA LYS A 64 -35.92 0.85 -9.74
C LYS A 64 -35.40 2.26 -9.45
N CYS A 65 -34.85 2.52 -8.26
CA CYS A 65 -34.32 3.88 -8.00
C CYS A 65 -32.83 4.03 -8.24
N ASN A 66 -32.46 4.94 -9.15
CA ASN A 66 -31.07 5.17 -9.49
C ASN A 66 -30.68 6.37 -8.68
N PHE A 67 -29.67 6.20 -7.84
CA PHE A 67 -29.17 7.29 -7.00
C PHE A 67 -27.70 7.68 -7.17
N SER A 68 -27.23 7.67 -8.40
CA SER A 68 -25.82 8.03 -8.60
C SER A 68 -25.91 9.55 -8.74
N SER A 69 -26.27 10.16 -7.64
CA SER A 69 -26.42 11.60 -7.53
C SER A 69 -26.27 11.79 -6.03
N LEU A 70 -25.11 12.27 -5.58
CA LEU A 70 -24.92 12.45 -4.15
C LEU A 70 -25.24 11.11 -3.53
N LYS A 71 -26.07 11.10 -2.49
CA LYS A 71 -26.41 9.84 -1.85
C LYS A 71 -25.11 9.19 -1.50
N LEU A 72 -24.20 9.99 -1.02
CA LEU A 72 -22.88 9.54 -0.62
C LEU A 72 -23.02 8.73 0.64
N ASN A 73 -21.92 8.16 1.10
CA ASN A 73 -21.98 7.36 2.29
C ASN A 73 -22.98 6.25 2.09
N VAL A 74 -22.80 5.55 0.98
CA VAL A 74 -23.61 4.42 0.67
C VAL A 74 -23.26 3.66 1.92
N TYR A 75 -22.11 4.01 2.49
CA TYR A 75 -21.62 3.38 3.70
C TYR A 75 -22.49 3.57 4.95
N GLU A 76 -23.08 4.76 5.12
CA GLU A 76 -23.99 5.00 6.25
C GLU A 76 -25.31 4.22 6.27
N GLU A 77 -25.89 4.05 7.46
CA GLU A 77 -27.11 3.23 7.62
C GLU A 77 -28.40 4.03 7.39
N ILE A 78 -28.84 4.09 6.13
CA ILE A 78 -30.07 4.82 5.75
C ILE A 78 -31.32 3.96 5.97
N LYS A 79 -32.52 4.56 5.92
CA LYS A 79 -33.79 3.82 5.92
C LYS A 79 -34.59 4.42 4.78
N LEU A 80 -35.32 3.59 4.06
CA LEU A 80 -36.00 4.09 2.85
C LEU A 80 -37.52 4.09 3.02
N ARG A 81 -38.18 5.14 2.56
CA ARG A 81 -39.63 5.15 2.56
C ARG A 81 -40.03 5.16 1.10
N ILE A 82 -41.11 4.48 0.76
CA ILE A 82 -41.62 4.55 -0.60
C ILE A 82 -43.11 4.85 -0.58
N ARG A 83 -43.54 5.77 -1.43
CA ARG A 83 -44.94 6.16 -1.52
C ARG A 83 -45.43 5.63 -2.83
N ALA A 84 -46.49 4.83 -2.80
CA ALA A 84 -47.06 4.27 -4.01
C ALA A 84 -48.53 4.66 -4.08
N GLU A 85 -48.93 5.24 -5.21
CA GLU A 85 -50.30 5.68 -5.40
C GLU A 85 -51.07 5.05 -6.55
N LYS A 86 -52.28 4.61 -6.23
CA LYS A 86 -53.16 3.99 -7.19
C LYS A 86 -54.35 4.93 -7.21
N GLU A 87 -54.76 5.36 -8.39
CA GLU A 87 -55.89 6.27 -8.47
C GLU A 87 -55.59 7.51 -7.65
N ASN A 88 -56.53 7.87 -6.78
CA ASN A 88 -56.37 9.04 -5.93
C ASN A 88 -55.93 8.71 -4.51
N THR A 89 -55.61 7.45 -4.25
CA THR A 89 -55.18 7.03 -2.91
C THR A 89 -53.70 6.65 -2.84
N SER A 90 -53.02 7.16 -1.82
CA SER A 90 -51.61 6.88 -1.61
C SER A 90 -51.34 5.85 -0.52
N SER A 91 -50.48 4.89 -0.83
CA SER A 91 -50.12 3.81 0.09
C SER A 91 -48.69 4.09 0.54
N TRP A 92 -48.42 3.94 1.84
CA TRP A 92 -47.09 4.21 2.38
C TRP A 92 -46.36 2.92 2.78
N TYR A 93 -45.08 2.79 2.42
CA TYR A 93 -44.28 1.60 2.73
C TYR A 93 -42.91 2.05 3.21
N GLU A 94 -42.50 1.52 4.35
CA GLU A 94 -41.17 1.78 4.87
C GLU A 94 -40.34 0.56 4.58
N VAL A 95 -39.04 0.64 4.87
CA VAL A 95 -38.09 -0.44 4.67
C VAL A 95 -37.22 -0.58 5.92
N ASP A 96 -36.73 -1.78 6.17
CA ASP A 96 -35.88 -2.02 7.32
C ASP A 96 -34.56 -1.29 7.12
N SER A 97 -33.93 -0.88 8.20
CA SER A 97 -32.65 -0.17 8.10
C SER A 97 -31.56 -1.03 7.48
N PHE A 98 -30.72 -0.42 6.66
CA PHE A 98 -29.63 -1.11 5.99
C PHE A 98 -28.55 -0.15 5.50
N THR A 99 -27.40 -0.70 5.14
CA THR A 99 -26.28 0.08 4.65
C THR A 99 -26.30 -0.51 3.27
N PRO A 100 -26.31 0.33 2.26
CA PRO A 100 -26.46 -0.13 0.88
C PRO A 100 -25.27 -0.94 0.35
N PHE A 101 -24.07 -0.62 0.83
CA PHE A 101 -22.87 -1.29 0.35
C PHE A 101 -23.02 -2.76 0.74
N ARG A 102 -23.51 -3.00 1.94
CA ARG A 102 -23.68 -4.36 2.43
C ARG A 102 -24.68 -5.13 1.57
N LYS A 103 -25.74 -4.45 1.16
CA LYS A 103 -26.78 -5.08 0.35
C LYS A 103 -26.55 -5.03 -1.16
N ALA A 104 -25.55 -4.28 -1.61
CA ALA A 104 -25.32 -4.09 -3.05
C ALA A 104 -24.75 -5.30 -3.79
N GLN A 105 -24.98 -5.30 -5.10
CA GLN A 105 -24.55 -6.40 -5.94
C GLN A 105 -23.74 -5.83 -7.12
N ILE A 106 -22.68 -6.54 -7.46
CA ILE A 106 -21.84 -6.12 -8.56
C ILE A 106 -22.59 -6.54 -9.82
N GLY A 107 -23.13 -5.56 -10.52
CA GLY A 107 -23.78 -5.82 -11.79
C GLY A 107 -22.86 -6.48 -12.80
N PRO A 108 -23.40 -6.81 -13.98
CA PRO A 108 -22.67 -7.44 -15.08
C PRO A 108 -21.47 -6.62 -15.60
N PRO A 109 -20.24 -7.16 -15.43
CA PRO A 109 -19.06 -6.45 -15.93
C PRO A 109 -19.19 -6.15 -17.41
N GLU A 110 -18.41 -5.18 -17.88
CA GLU A 110 -18.37 -4.84 -19.30
C GLU A 110 -17.24 -5.63 -19.93
N VAL A 111 -17.50 -6.24 -21.09
CA VAL A 111 -16.46 -7.00 -21.76
C VAL A 111 -16.30 -6.67 -23.24
N HIS A 112 -15.03 -6.56 -23.62
CA HIS A 112 -14.60 -6.39 -25.00
C HIS A 112 -13.57 -7.46 -25.26
N LEU A 113 -13.71 -8.20 -26.35
CA LEU A 113 -12.76 -9.26 -26.72
C LEU A 113 -11.97 -8.92 -28.01
N GLU A 114 -10.65 -9.08 -27.98
CA GLU A 114 -9.77 -8.79 -29.14
C GLU A 114 -9.28 -10.15 -29.70
N ALA A 115 -9.37 -10.35 -31.01
CA ALA A 115 -9.11 -11.67 -31.56
C ALA A 115 -7.70 -11.89 -32.11
N GLU A 116 -7.16 -13.08 -31.86
CA GLU A 116 -5.92 -13.53 -32.48
C GLU A 116 -6.08 -14.90 -33.17
N ASP A 117 -5.02 -15.37 -33.80
CA ASP A 117 -5.06 -16.66 -34.45
C ASP A 117 -5.20 -17.76 -33.43
N LYS A 118 -4.57 -17.62 -32.27
CA LYS A 118 -4.62 -18.68 -31.27
C LYS A 118 -4.73 -18.14 -29.86
N ALA A 119 -5.12 -16.88 -29.73
CA ALA A 119 -5.34 -16.27 -28.42
C ALA A 119 -6.44 -15.19 -28.45
N ILE A 120 -7.17 -15.05 -27.35
CA ILE A 120 -8.24 -14.06 -27.25
C ILE A 120 -7.89 -13.06 -26.15
N VAL A 121 -7.88 -11.77 -26.47
CA VAL A 121 -7.56 -10.79 -25.44
C VAL A 121 -8.79 -10.23 -24.77
N ILE A 122 -8.76 -10.22 -23.45
CA ILE A 122 -9.94 -9.81 -22.69
C ILE A 122 -9.66 -8.56 -21.86
N HIS A 123 -10.53 -7.57 -22.04
CA HIS A 123 -10.46 -6.30 -21.34
C HIS A 123 -11.81 -6.04 -20.65
N ILE A 124 -11.84 -6.27 -19.34
CA ILE A 124 -13.05 -6.14 -18.56
C ILE A 124 -13.04 -4.84 -17.75
N SER A 125 -14.22 -4.24 -17.57
CA SER A 125 -14.30 -3.01 -16.81
C SER A 125 -15.66 -2.99 -16.13
N PRO A 126 -15.76 -2.35 -14.97
CA PRO A 126 -17.06 -2.36 -14.31
C PRO A 126 -18.11 -1.71 -15.20
N GLY A 127 -19.31 -2.26 -15.21
CA GLY A 127 -20.40 -1.72 -16.01
C GLY A 127 -20.90 -0.51 -15.28
N THR A 128 -21.62 0.38 -15.95
CA THR A 128 -22.09 1.55 -15.22
C THR A 128 -20.91 2.20 -14.52
N LYS A 129 -20.02 2.74 -15.33
CA LYS A 129 -18.80 3.38 -14.89
C LYS A 129 -19.09 4.61 -14.07
N ASP A 130 -18.14 4.96 -13.20
CA ASP A 130 -18.30 6.11 -12.34
C ASP A 130 -19.46 5.95 -11.37
N SER A 131 -19.65 4.72 -10.90
CA SER A 131 -20.68 4.41 -9.94
C SER A 131 -20.28 4.97 -8.59
N VAL A 132 -21.25 5.24 -7.72
CA VAL A 132 -20.99 5.79 -6.42
C VAL A 132 -20.94 4.66 -5.42
N MET A 133 -21.56 3.54 -5.81
CA MET A 133 -21.56 2.33 -5.00
C MET A 133 -20.14 1.80 -4.94
N TRP A 134 -19.46 1.78 -6.07
CA TRP A 134 -18.10 1.27 -6.05
C TRP A 134 -17.10 2.36 -5.72
N ALA A 135 -17.13 3.46 -6.44
CA ALA A 135 -16.18 4.50 -6.12
C ALA A 135 -14.79 3.93 -5.99
N LEU A 136 -14.26 4.07 -4.78
CA LEU A 136 -12.94 3.60 -4.41
C LEU A 136 -12.77 2.08 -4.54
N ASP A 137 -13.80 1.31 -4.18
CA ASP A 137 -13.69 -0.13 -4.29
C ASP A 137 -13.58 -0.56 -5.74
N GLY A 138 -13.39 0.39 -6.65
CA GLY A 138 -13.45 0.14 -8.09
C GLY A 138 -12.17 -0.29 -8.77
N LEU A 139 -11.26 -0.82 -7.98
CA LEU A 139 -9.94 -1.11 -8.47
C LEU A 139 -9.66 -2.36 -7.67
N SER A 140 -10.47 -2.60 -6.64
CA SER A 140 -10.41 -3.87 -5.93
C SER A 140 -10.94 -5.21 -6.68
N PHE A 141 -11.59 -4.83 -7.79
CA PHE A 141 -12.22 -5.77 -8.69
C PHE A 141 -11.42 -6.95 -9.22
N THR A 142 -11.94 -8.12 -8.95
CA THR A 142 -11.30 -9.36 -9.34
C THR A 142 -12.36 -10.17 -10.06
N TYR A 143 -12.14 -10.44 -11.34
CA TYR A 143 -13.15 -11.10 -12.17
C TYR A 143 -12.80 -12.56 -12.32
N SER A 144 -13.82 -13.38 -12.54
CA SER A 144 -13.66 -14.80 -12.84
C SER A 144 -14.22 -15.33 -14.17
N LEU A 145 -13.43 -15.96 -15.01
CA LEU A 145 -14.02 -16.45 -16.27
C LEU A 145 -14.35 -17.85 -16.75
N VAL A 146 -15.37 -17.95 -17.59
CA VAL A 146 -16.02 -19.17 -18.06
C VAL A 146 -15.96 -19.04 -19.59
N ILE A 147 -15.49 -20.07 -20.27
CA ILE A 147 -15.26 -19.98 -21.71
C ILE A 147 -15.43 -21.33 -22.36
N TRP A 148 -16.00 -21.36 -23.56
CA TRP A 148 -16.19 -22.61 -24.27
C TRP A 148 -16.21 -22.44 -25.78
N LYS A 149 -15.95 -23.52 -26.49
CA LYS A 149 -15.98 -23.51 -27.95
C LYS A 149 -17.40 -23.52 -28.52
N ASN A 150 -17.71 -22.84 -29.59
CA ASN A 150 -19.12 -22.91 -29.93
C ASN A 150 -19.41 -24.37 -30.07
N SER A 151 -18.90 -25.02 -31.11
CA SER A 151 -19.25 -26.43 -31.32
C SER A 151 -19.23 -27.31 -30.07
N SER A 152 -18.03 -27.50 -29.53
CA SER A 152 -17.79 -28.47 -28.47
C SER A 152 -18.39 -28.29 -27.05
N GLY A 153 -18.99 -27.15 -26.76
CA GLY A 153 -19.53 -26.90 -25.42
C GLY A 153 -18.51 -27.10 -24.29
N VAL A 154 -17.27 -27.44 -24.65
CA VAL A 154 -16.22 -27.73 -23.65
C VAL A 154 -15.83 -26.47 -22.87
N GLU A 155 -16.02 -26.49 -21.56
CA GLU A 155 -15.89 -25.25 -20.79
C GLU A 155 -14.80 -25.22 -19.71
N GLU A 156 -13.72 -24.50 -20.03
CA GLU A 156 -12.66 -24.14 -19.07
C GLU A 156 -13.14 -22.93 -18.27
N ARG A 157 -12.91 -23.00 -16.97
CA ARG A 157 -13.25 -21.96 -16.01
C ARG A 157 -11.90 -21.33 -15.61
N ILE A 158 -11.87 -20.03 -15.42
CA ILE A 158 -10.66 -19.31 -15.04
C ILE A 158 -11.10 -18.52 -13.83
N GLU A 159 -10.29 -18.39 -12.80
CA GLU A 159 -10.76 -17.65 -11.63
C GLU A 159 -9.84 -16.55 -11.11
N ASN A 160 -10.46 -15.48 -10.62
CA ASN A 160 -9.72 -14.36 -10.08
C ASN A 160 -8.74 -13.66 -11.00
N ILE A 161 -9.16 -13.33 -12.21
CA ILE A 161 -8.25 -12.68 -13.11
C ILE A 161 -8.39 -11.20 -12.86
N TYR A 162 -7.39 -10.44 -13.26
CA TYR A 162 -7.43 -9.03 -13.06
C TYR A 162 -8.29 -8.52 -14.19
N SER A 163 -8.45 -7.22 -14.29
CA SER A 163 -9.27 -6.63 -15.33
C SER A 163 -8.80 -6.95 -16.74
N ARG A 164 -7.50 -7.10 -16.94
CA ARG A 164 -6.97 -7.41 -18.34
C ARG A 164 -6.31 -8.77 -18.16
N HIS A 165 -6.61 -9.73 -19.01
CA HIS A 165 -6.05 -11.06 -18.90
C HIS A 165 -6.22 -11.48 -20.44
N LYS A 166 -5.30 -12.28 -20.99
CA LYS A 166 -5.44 -12.77 -22.35
C LYS A 166 -5.32 -14.30 -22.04
N ILE A 167 -6.12 -15.09 -22.79
CA ILE A 167 -6.32 -16.57 -22.82
C ILE A 167 -5.57 -17.02 -24.02
N TYR A 168 -4.71 -18.03 -23.86
CA TYR A 168 -3.88 -18.59 -24.92
C TYR A 168 -4.25 -20.02 -25.28
N LYS A 169 -3.45 -20.63 -26.13
CA LYS A 169 -3.68 -22.00 -26.54
C LYS A 169 -5.04 -22.27 -27.13
N LEU A 170 -5.50 -21.40 -28.01
CA LEU A 170 -6.80 -21.59 -28.63
C LEU A 170 -6.67 -21.93 -30.10
N SER A 171 -7.42 -22.93 -30.55
CA SER A 171 -7.38 -23.33 -31.93
C SER A 171 -7.92 -22.19 -32.78
N PRO A 172 -7.29 -21.96 -33.92
CA PRO A 172 -7.69 -20.88 -34.83
C PRO A 172 -8.98 -21.11 -35.60
N GLU A 173 -9.57 -20.03 -36.06
CA GLU A 173 -10.82 -20.10 -36.82
C GLU A 173 -11.87 -20.86 -36.06
N THR A 174 -11.88 -20.67 -34.75
CA THR A 174 -12.83 -21.32 -33.89
C THR A 174 -13.56 -20.22 -33.17
N THR A 175 -14.86 -20.38 -33.01
CA THR A 175 -15.64 -19.38 -32.32
C THR A 175 -15.76 -19.78 -30.87
N TYR A 176 -15.27 -18.92 -29.99
CA TYR A 176 -15.31 -19.18 -28.56
C TYR A 176 -16.22 -18.16 -27.91
N CYS A 177 -17.03 -18.63 -26.99
CA CYS A 177 -17.97 -17.76 -26.28
C CYS A 177 -17.49 -17.77 -24.86
N LEU A 178 -17.96 -16.81 -24.07
CA LEU A 178 -17.55 -16.71 -22.69
C LEU A 178 -18.40 -15.67 -21.99
N LYS A 179 -18.40 -15.75 -20.68
CA LYS A 179 -19.21 -14.89 -19.88
C LYS A 179 -18.45 -14.80 -18.58
N VAL A 180 -18.55 -13.66 -17.91
CA VAL A 180 -17.69 -13.40 -16.77
C VAL A 180 -18.46 -12.64 -15.70
N LYS A 181 -17.96 -12.65 -14.48
CA LYS A 181 -18.64 -11.96 -13.39
C LYS A 181 -17.60 -11.36 -12.47
N ALA A 182 -17.94 -10.24 -11.84
CA ALA A 182 -17.03 -9.56 -10.94
C ALA A 182 -17.14 -10.04 -9.53
N ALA A 183 -16.08 -9.86 -8.77
CA ALA A 183 -16.09 -10.27 -7.37
C ALA A 183 -15.09 -9.46 -6.56
N LEU A 184 -15.33 -9.34 -5.26
CA LEU A 184 -14.43 -8.59 -4.39
C LEU A 184 -14.06 -9.54 -3.27
N LEU A 185 -12.78 -9.85 -3.14
CA LEU A 185 -12.37 -10.77 -2.09
C LEU A 185 -12.58 -10.34 -0.65
N THR A 186 -12.18 -9.13 -0.30
CA THR A 186 -12.36 -8.69 1.07
C THR A 186 -13.80 -8.49 1.50
N SER A 187 -14.58 -7.88 0.62
CA SER A 187 -15.98 -7.61 0.87
C SER A 187 -16.74 -8.93 0.94
N TRP A 188 -16.34 -9.85 0.10
CA TRP A 188 -16.97 -11.16 0.05
C TRP A 188 -18.15 -11.02 -0.88
N LYS A 189 -18.37 -9.80 -1.36
CA LYS A 189 -19.46 -9.54 -2.26
C LYS A 189 -19.16 -10.22 -3.59
N ILE A 190 -20.21 -10.67 -4.25
CA ILE A 190 -20.07 -11.35 -5.52
C ILE A 190 -21.34 -11.11 -6.31
N GLY A 191 -21.22 -10.86 -7.60
CA GLY A 191 -22.42 -10.64 -8.41
C GLY A 191 -22.52 -11.07 -9.87
N VAL A 192 -23.57 -10.55 -10.51
CA VAL A 192 -24.09 -11.05 -11.80
C VAL A 192 -23.07 -11.34 -12.88
N TYR A 193 -23.37 -12.37 -13.65
CA TYR A 193 -22.60 -12.67 -14.86
C TYR A 193 -22.94 -11.71 -15.96
N SER A 194 -21.92 -11.35 -16.73
CA SER A 194 -22.11 -10.65 -17.96
C SER A 194 -22.96 -11.52 -18.84
N PRO A 195 -23.50 -10.94 -19.90
CA PRO A 195 -24.06 -11.69 -21.01
C PRO A 195 -22.93 -12.35 -21.78
N VAL A 196 -23.21 -13.47 -22.40
CA VAL A 196 -22.21 -14.17 -23.17
C VAL A 196 -21.79 -13.36 -24.38
N HIS A 197 -20.48 -13.33 -24.62
CA HIS A 197 -19.92 -12.72 -25.82
C HIS A 197 -19.18 -13.81 -26.61
N CYS A 198 -19.12 -13.65 -27.94
CA CYS A 198 -18.49 -14.62 -28.82
C CYS A 198 -17.55 -13.95 -29.81
N ILE A 199 -16.40 -14.56 -30.06
CA ILE A 199 -15.48 -14.01 -31.04
C ILE A 199 -14.81 -15.13 -31.86
N LYS A 200 -14.57 -14.90 -33.14
CA LYS A 200 -13.89 -15.91 -33.96
C LYS A 200 -12.42 -15.58 -34.13
N THR A 201 -11.58 -16.44 -33.56
CA THR A 201 -10.13 -16.30 -33.72
C THR A 201 -9.77 -16.19 -35.21
N THR A 202 -8.79 -15.35 -35.53
CA THR A 202 -8.41 -15.13 -36.94
C THR A 202 -7.64 -16.27 -37.59
N VAL A 203 -7.47 -16.20 -38.91
CA VAL A 203 -6.75 -17.24 -39.64
C VAL A 203 -5.26 -17.35 -39.29
N GLU A 204 -4.83 -18.54 -38.86
CA GLU A 204 -3.47 -18.80 -38.34
C GLU A 204 -2.37 -17.94 -38.99
N ASN A 205 -1.61 -17.24 -38.14
CA ASN A 205 -0.48 -16.43 -38.60
C ASN A 205 0.69 -17.30 -39.00
N GLU A 206 1.14 -17.13 -40.23
CA GLU A 206 2.32 -17.84 -40.76
C GLU A 206 3.53 -17.80 -39.82
N LEU A 207 3.83 -16.63 -39.27
CA LEU A 207 4.90 -16.47 -38.27
C LEU A 207 4.38 -16.79 -36.87
N PRO A 208 4.62 -18.01 -36.40
CA PRO A 208 4.28 -18.18 -35.00
C PRO A 208 5.12 -17.22 -34.18
N PRO A 209 4.57 -16.75 -33.06
CA PRO A 209 5.27 -15.86 -32.10
C PRO A 209 6.53 -16.51 -31.51
N PRO A 210 7.54 -15.69 -31.13
CA PRO A 210 8.67 -16.23 -30.39
C PRO A 210 8.12 -16.84 -29.12
N GLU A 211 8.82 -17.83 -28.57
CA GLU A 211 8.38 -18.51 -27.36
C GLU A 211 9.50 -18.90 -26.40
N ASN A 212 9.13 -19.34 -25.21
CA ASN A 212 10.09 -19.75 -24.19
C ASN A 212 11.07 -18.68 -23.71
N ILE A 213 10.55 -17.53 -23.35
CA ILE A 213 11.38 -16.43 -22.86
C ILE A 213 12.10 -16.72 -21.55
N GLU A 214 13.28 -16.14 -21.40
CA GLU A 214 14.09 -16.30 -20.21
C GLU A 214 14.99 -15.14 -19.80
N VAL A 215 14.78 -14.59 -18.60
CA VAL A 215 15.63 -13.52 -18.11
C VAL A 215 16.71 -14.08 -17.23
N SER A 216 17.95 -13.82 -17.62
CA SER A 216 19.08 -14.10 -16.77
C SER A 216 20.01 -12.90 -16.83
N VAL A 217 21.03 -12.91 -15.97
CA VAL A 217 22.00 -11.81 -15.95
C VAL A 217 23.47 -12.17 -16.20
N GLN A 218 24.14 -11.39 -17.02
CA GLN A 218 25.54 -11.65 -17.32
C GLN A 218 26.35 -10.48 -16.83
N ASN A 219 27.37 -10.74 -16.02
CA ASN A 219 28.17 -9.64 -15.55
C ASN A 219 27.13 -8.71 -14.96
N GLN A 220 27.19 -7.45 -15.35
CA GLN A 220 26.27 -6.45 -14.86
C GLN A 220 25.21 -6.12 -15.91
N ASN A 221 25.11 -6.95 -16.93
CA ASN A 221 24.14 -6.70 -18.00
C ASN A 221 23.04 -7.79 -17.93
N TYR A 222 21.82 -7.39 -18.27
CA TYR A 222 20.68 -8.32 -18.39
C TYR A 222 20.66 -9.02 -19.73
N VAL A 223 20.49 -10.34 -19.71
CA VAL A 223 20.40 -11.10 -20.95
C VAL A 223 19.03 -11.75 -21.04
N LEU A 224 18.40 -11.65 -22.21
CA LEU A 224 17.04 -12.14 -22.40
C LEU A 224 16.90 -13.03 -23.64
N LYS A 225 16.65 -14.30 -23.43
CA LYS A 225 16.66 -15.22 -24.55
C LYS A 225 15.31 -15.92 -24.80
N TRP A 226 15.11 -16.37 -26.04
CA TRP A 226 13.88 -17.06 -26.44
C TRP A 226 14.10 -17.91 -27.70
N ASP A 227 13.11 -18.74 -28.04
CA ASP A 227 13.23 -19.71 -29.12
C ASP A 227 12.37 -19.39 -30.33
N TYR A 228 12.96 -18.87 -31.38
CA TYR A 228 12.24 -18.76 -32.64
C TYR A 228 12.58 -19.95 -33.54
N THR A 229 11.72 -20.25 -34.51
CA THR A 229 11.92 -21.43 -35.36
C THR A 229 12.36 -21.10 -36.79
N TYR A 230 12.39 -19.83 -37.12
CA TYR A 230 12.73 -19.40 -38.47
C TYR A 230 13.98 -18.52 -38.45
N ALA A 231 14.99 -18.90 -39.24
CA ALA A 231 16.22 -18.11 -39.30
C ALA A 231 15.96 -16.83 -40.06
N ASN A 232 16.89 -15.89 -39.95
CA ASN A 232 16.80 -14.59 -40.63
C ASN A 232 15.55 -13.77 -40.23
N MET A 233 15.41 -13.46 -38.95
CA MET A 233 14.28 -12.67 -38.43
C MET A 233 14.72 -11.53 -37.50
N THR A 234 14.14 -10.34 -37.66
CA THR A 234 14.38 -9.28 -36.68
C THR A 234 13.26 -9.21 -35.66
N PHE A 235 13.62 -9.11 -34.38
CA PHE A 235 12.66 -9.04 -33.26
C PHE A 235 12.60 -7.70 -32.51
N GLN A 236 11.44 -7.39 -31.94
CA GLN A 236 11.22 -6.16 -31.16
C GLN A 236 10.74 -6.60 -29.78
N VAL A 237 11.33 -6.08 -28.71
CA VAL A 237 10.92 -6.47 -27.34
C VAL A 237 10.41 -5.33 -26.47
N GLN A 238 9.29 -5.52 -25.77
CA GLN A 238 8.76 -4.46 -24.91
C GLN A 238 8.38 -4.94 -23.51
N TRP A 239 8.16 -3.99 -22.62
CA TRP A 239 7.91 -4.29 -21.22
C TRP A 239 6.75 -3.47 -20.68
N LEU A 240 6.29 -3.84 -19.49
CA LEU A 240 5.21 -3.14 -18.82
C LEU A 240 5.38 -3.24 -17.33
N HIS A 241 4.98 -2.22 -16.61
CA HIS A 241 5.03 -2.30 -15.18
C HIS A 241 4.12 -3.45 -14.83
N ALA A 242 4.54 -4.26 -13.88
CA ALA A 242 3.78 -5.44 -13.51
C ALA A 242 2.41 -5.20 -12.95
N PHE A 243 2.28 -4.23 -12.06
CA PHE A 243 0.98 -3.96 -11.42
C PHE A 243 -0.10 -3.45 -12.39
N LEU A 244 0.31 -2.78 -13.46
CA LEU A 244 -0.62 -2.04 -14.33
C LEU A 244 -1.63 -2.96 -15.06
N LYS A 245 -1.54 -4.27 -14.84
CA LYS A 245 -2.56 -5.21 -15.36
C LYS A 245 -3.88 -5.13 -14.60
N ARG A 246 -3.77 -4.59 -13.37
CA ARG A 246 -4.87 -4.33 -12.44
C ARG A 246 -5.90 -3.20 -12.71
N ASN A 247 -5.43 -2.03 -13.16
CA ASN A 247 -6.27 -0.87 -13.41
C ASN A 247 -6.92 -1.18 -14.77
N PRO A 248 -8.18 -0.81 -14.95
CA PRO A 248 -8.87 -1.07 -16.22
C PRO A 248 -9.04 0.10 -17.17
N GLY A 249 -8.47 1.26 -16.88
CA GLY A 249 -8.62 2.39 -17.78
C GLY A 249 -7.35 3.17 -18.04
N ASN A 250 -7.31 3.85 -19.18
CA ASN A 250 -6.14 4.65 -19.54
C ASN A 250 -5.37 3.99 -20.67
N TYR A 253 -1.09 3.03 -19.43
CA TYR A 253 -0.98 1.66 -19.94
C TYR A 253 -0.47 1.56 -21.41
N LYS A 254 0.83 1.76 -21.61
CA LYS A 254 1.45 1.54 -22.90
C LYS A 254 2.61 0.59 -22.71
N TRP A 255 2.82 -0.30 -23.68
CA TRP A 255 3.90 -1.25 -23.57
C TRP A 255 5.20 -0.64 -24.03
N LYS A 256 5.87 0.10 -23.15
CA LYS A 256 7.12 0.72 -23.51
C LYS A 256 8.11 -0.35 -24.03
N GLN A 257 8.83 -0.04 -25.09
CA GLN A 257 9.75 -1.01 -25.64
C GLN A 257 11.16 -0.82 -25.17
N ILE A 258 11.71 -1.86 -24.59
CA ILE A 258 13.08 -1.78 -24.11
C ILE A 258 13.96 -1.48 -25.33
N PRO A 259 14.81 -0.44 -25.22
CA PRO A 259 15.40 0.27 -26.37
C PRO A 259 16.63 -0.39 -27.02
N ASP A 260 17.47 -1.04 -26.22
CA ASP A 260 18.61 -1.76 -26.77
C ASP A 260 17.98 -2.86 -27.62
N CYS A 261 16.85 -3.37 -27.20
CA CYS A 261 16.30 -4.49 -27.91
C CYS A 261 15.69 -4.15 -29.30
N GLU A 262 15.66 -2.85 -29.53
CA GLU A 262 15.02 -2.39 -30.74
C GLU A 262 15.59 -3.08 -31.98
N ASN A 263 14.75 -3.83 -32.68
CA ASN A 263 15.14 -4.56 -33.89
C ASN A 263 16.36 -5.48 -33.88
N VAL A 264 16.51 -6.29 -32.84
CA VAL A 264 17.66 -7.19 -32.78
C VAL A 264 17.53 -8.26 -33.87
N LYS A 265 18.66 -8.71 -34.40
CA LYS A 265 18.66 -9.73 -35.44
C LYS A 265 18.81 -11.16 -34.95
N THR A 266 19.04 -11.32 -33.65
CA THR A 266 19.22 -12.66 -33.09
C THR A 266 18.27 -13.05 -32.00
N THR A 267 18.32 -14.31 -31.63
CA THR A 267 17.43 -14.79 -30.60
C THR A 267 17.85 -14.50 -29.18
N GLN A 268 18.41 -13.32 -28.91
CA GLN A 268 18.77 -13.07 -27.53
C GLN A 268 18.93 -11.55 -27.58
N CYS A 269 18.82 -10.88 -26.44
CA CYS A 269 18.99 -9.44 -26.34
C CYS A 269 19.60 -9.22 -24.98
N VAL A 270 20.55 -8.31 -24.88
CA VAL A 270 21.18 -8.00 -23.62
C VAL A 270 21.28 -6.50 -23.45
N PHE A 271 21.06 -6.04 -22.23
CA PHE A 271 21.11 -4.64 -21.90
C PHE A 271 21.52 -4.57 -20.42
N PRO A 272 22.08 -3.44 -19.99
CA PRO A 272 22.60 -3.31 -18.62
C PRO A 272 21.45 -3.24 -17.62
N GLN A 273 21.64 -3.84 -16.45
CA GLN A 273 20.58 -3.96 -15.45
C GLN A 273 19.91 -2.65 -15.03
N ASN A 274 20.58 -1.54 -15.30
CA ASN A 274 20.09 -0.21 -14.91
C ASN A 274 18.72 0.19 -15.48
N VAL A 275 18.51 -0.04 -16.78
CA VAL A 275 17.30 0.39 -17.50
C VAL A 275 16.04 0.15 -16.67
N PHE A 276 16.14 -0.85 -15.81
CA PHE A 276 15.08 -1.23 -14.91
C PHE A 276 15.45 -0.90 -13.50
N GLN A 277 14.63 -0.09 -12.84
CA GLN A 277 14.78 0.12 -11.41
C GLN A 277 14.11 -1.04 -10.64
N LYS A 278 14.22 -1.00 -9.32
CA LYS A 278 13.73 -2.07 -8.46
C LYS A 278 12.33 -2.48 -8.86
N GLY A 279 11.95 -3.69 -8.45
CA GLY A 279 10.59 -4.14 -8.63
C GLY A 279 10.27 -4.70 -10.00
N ILE A 280 9.09 -5.31 -10.06
CA ILE A 280 8.61 -6.10 -11.18
C ILE A 280 8.26 -5.46 -12.50
N TYR A 281 8.43 -6.25 -13.55
CA TYR A 281 8.05 -5.87 -14.90
C TYR A 281 7.49 -7.07 -15.65
N LEU A 282 6.89 -6.82 -16.81
CA LEU A 282 6.47 -7.88 -17.70
C LEU A 282 7.15 -7.72 -19.03
N LEU A 283 7.34 -8.81 -19.73
CA LEU A 283 7.99 -8.76 -21.02
C LEU A 283 7.32 -9.72 -22.00
N ARG A 284 7.32 -9.30 -23.26
CA ARG A 284 6.81 -10.08 -24.37
C ARG A 284 7.71 -9.72 -25.53
N VAL A 285 7.83 -10.65 -26.49
CA VAL A 285 8.74 -10.49 -27.63
C VAL A 285 8.07 -10.88 -28.94
N GLN A 286 8.33 -10.13 -30.00
CA GLN A 286 7.57 -10.29 -31.23
C GLN A 286 8.45 -10.38 -32.46
N ALA A 287 8.25 -11.43 -33.23
CA ALA A 287 8.98 -11.62 -34.47
C ALA A 287 8.36 -10.84 -35.62
N SER A 288 9.17 -10.05 -36.30
CA SER A 288 8.73 -9.39 -37.53
C SER A 288 9.77 -9.68 -38.59
N ASP A 289 9.33 -9.96 -39.81
CA ASP A 289 10.30 -10.11 -40.90
C ASP A 289 10.29 -8.89 -41.83
N GLY A 290 9.83 -7.77 -41.27
CA GLY A 290 9.86 -6.49 -41.96
C GLY A 290 8.58 -6.24 -42.74
N ASN A 291 7.91 -7.33 -43.11
CA ASN A 291 6.68 -7.25 -43.88
C ASN A 291 5.46 -7.58 -43.02
N ASN A 292 5.32 -8.85 -42.71
CA ASN A 292 4.30 -9.31 -41.77
C ASN A 292 4.95 -9.45 -40.39
N THR A 293 4.12 -9.52 -39.34
CA THR A 293 4.63 -9.62 -37.98
C THR A 293 3.84 -10.64 -37.17
N SER A 294 4.56 -11.47 -36.42
CA SER A 294 3.93 -12.48 -35.57
C SER A 294 3.25 -11.79 -34.42
N PHE A 295 2.30 -12.46 -33.78
CA PHE A 295 1.71 -11.93 -32.58
C PHE A 295 2.73 -12.02 -31.48
N TRP A 296 2.32 -11.56 -30.30
CA TRP A 296 3.18 -11.54 -29.12
C TRP A 296 3.30 -12.84 -28.33
N SER A 297 4.44 -12.98 -27.67
CA SER A 297 4.76 -14.13 -26.86
C SER A 297 4.05 -14.00 -25.54
N GLU A 298 4.03 -15.08 -24.76
CA GLU A 298 3.39 -15.06 -23.47
C GLU A 298 4.22 -14.14 -22.59
N GLU A 299 3.55 -13.47 -21.67
CA GLU A 299 4.16 -12.49 -20.80
C GLU A 299 4.99 -13.08 -19.68
N ILE A 300 6.08 -12.42 -19.32
CA ILE A 300 6.91 -12.94 -18.26
C ILE A 300 7.11 -11.98 -17.10
N LYS A 301 6.78 -12.43 -15.90
CA LYS A 301 6.97 -11.59 -14.73
C LYS A 301 8.46 -11.59 -14.42
N PHE A 302 9.03 -10.39 -14.31
CA PHE A 302 10.46 -10.26 -14.04
C PHE A 302 10.68 -9.43 -12.77
N ASP A 303 11.47 -9.93 -11.83
CA ASP A 303 11.69 -9.20 -10.59
C ASP A 303 13.16 -8.78 -10.66
N THR A 304 13.39 -7.48 -10.71
CA THR A 304 14.73 -6.95 -10.93
C THR A 304 15.65 -7.59 -9.89
N GLU A 305 15.04 -8.10 -8.82
CA GLU A 305 15.77 -8.73 -7.70
C GLU A 305 15.86 -10.24 -7.95
N ILE A 306 16.18 -10.60 -9.19
CA ILE A 306 16.44 -11.97 -9.61
C ILE A 306 17.93 -12.13 -9.87
N GLN A 307 18.67 -12.55 -8.86
CA GLN A 307 20.09 -12.84 -8.99
C GLN A 307 20.34 -14.30 -8.59
N GLY B 5 -3.06 -22.84 6.28
CA GLY B 5 -2.85 -21.43 6.53
C GLY B 5 -2.00 -20.78 5.45
N CYS B 6 -1.78 -19.48 5.59
CA CYS B 6 -0.98 -18.74 4.62
C CYS B 6 0.30 -18.23 5.27
N ASP B 7 1.41 -18.45 4.60
CA ASP B 7 2.69 -17.99 5.09
C ASP B 7 3.31 -17.05 4.07
N LEU B 8 3.41 -15.78 4.45
CA LEU B 8 3.97 -14.79 3.56
C LEU B 8 5.43 -15.14 3.39
N PRO B 9 6.07 -14.56 2.40
CA PRO B 9 7.48 -14.85 2.18
C PRO B 9 8.13 -14.38 3.44
N GLN B 10 9.30 -14.91 3.77
CA GLN B 10 9.97 -14.49 4.98
C GLN B 10 10.11 -13.00 4.86
N ASN B 11 10.38 -12.54 3.65
CA ASN B 11 10.54 -11.13 3.42
C ASN B 11 9.29 -10.29 3.15
N HIS B 12 8.35 -10.22 4.11
CA HIS B 12 7.14 -9.40 3.91
C HIS B 12 7.14 -8.27 4.94
N GLY B 13 7.74 -8.53 6.10
CA GLY B 13 8.07 -7.46 7.03
C GLY B 13 8.85 -6.42 6.25
N LEU B 14 9.71 -6.87 5.33
CA LEU B 14 10.52 -5.99 4.48
C LEU B 14 9.69 -5.26 3.44
N LEU B 15 8.52 -5.79 3.14
CA LEU B 15 7.63 -5.21 2.14
C LEU B 15 6.77 -4.10 2.73
N SER B 16 6.14 -4.38 3.86
CA SER B 16 5.27 -3.42 4.51
C SER B 16 6.09 -2.18 4.87
N ARG B 17 7.36 -2.42 5.20
CA ARG B 17 8.28 -1.33 5.52
C ARG B 17 8.51 -0.46 4.29
N ASN B 18 8.93 -1.03 3.18
CA ASN B 18 9.24 -0.26 1.97
C ASN B 18 8.13 0.65 1.47
N THR B 19 6.91 0.39 1.92
CA THR B 19 5.81 1.25 1.57
C THR B 19 5.93 2.51 2.43
N LEU B 20 6.13 2.32 3.73
CA LEU B 20 6.28 3.43 4.65
C LEU B 20 7.45 4.32 4.25
N VAL B 21 8.57 3.70 3.91
CA VAL B 21 9.74 4.43 3.47
C VAL B 21 9.47 5.25 2.19
N LEU B 22 8.66 4.70 1.31
CA LEU B 22 8.29 5.43 0.12
C LEU B 22 7.38 6.59 0.50
N LEU B 23 6.23 6.30 1.09
CA LEU B 23 5.34 7.34 1.58
C LEU B 23 6.13 8.44 2.29
N HIS B 24 7.24 8.06 2.91
CA HIS B 24 8.08 9.07 3.50
C HIS B 24 8.77 9.87 2.38
N GLN B 25 9.56 9.17 1.59
CA GLN B 25 10.35 9.82 0.56
C GLN B 25 9.51 10.63 -0.40
N MET B 26 8.21 10.46 -0.41
CA MET B 26 7.41 11.24 -1.34
C MET B 26 7.11 12.64 -0.85
N ARG B 27 7.54 12.96 0.35
CA ARG B 27 7.29 14.27 0.91
C ARG B 27 7.79 15.38 0.01
N ARG B 28 6.95 16.38 -0.20
CA ARG B 28 7.31 17.50 -1.04
C ARG B 28 7.55 18.83 -0.33
N ILE B 29 6.67 19.22 0.58
CA ILE B 29 6.85 20.49 1.29
C ILE B 29 6.93 20.30 2.79
N SER B 30 7.26 21.36 3.51
CA SER B 30 7.44 21.26 4.95
C SER B 30 6.08 21.19 5.63
N PRO B 31 5.80 20.07 6.32
CA PRO B 31 4.47 19.86 6.90
C PRO B 31 4.08 20.98 7.86
N PHE B 32 5.04 21.82 8.21
CA PHE B 32 4.74 23.02 8.97
C PHE B 32 3.70 23.84 8.23
N LEU B 33 3.99 24.24 7.00
CA LEU B 33 3.19 25.24 6.33
C LEU B 33 1.74 24.79 6.29
N CYS B 34 1.50 23.53 6.62
CA CYS B 34 0.17 22.96 6.46
C CYS B 34 -0.57 22.68 7.75
N LEU B 35 -0.12 23.23 8.87
CA LEU B 35 -0.76 22.91 10.14
C LEU B 35 -2.17 23.46 10.18
N LYS B 36 -2.42 24.41 9.27
CA LYS B 36 -3.74 24.98 9.01
C LYS B 36 -4.70 24.01 8.28
N ASP B 37 -4.19 23.33 7.26
CA ASP B 37 -4.92 22.36 6.46
C ASP B 37 -5.02 21.00 7.19
N ARG B 38 -4.90 20.94 8.51
CA ARG B 38 -5.03 19.66 9.25
C ARG B 38 -6.47 19.16 9.53
N ARG B 39 -6.63 17.91 9.99
CA ARG B 39 -7.95 17.38 10.26
C ARG B 39 -7.90 16.02 10.92
N ASP B 40 -8.75 15.81 11.92
CA ASP B 40 -8.86 14.48 12.52
C ASP B 40 -9.65 13.60 11.57
N PHE B 41 -9.00 12.56 11.04
CA PHE B 41 -9.66 11.64 10.12
C PHE B 41 -10.43 10.52 10.83
N ARG B 42 -10.39 10.51 12.15
CA ARG B 42 -11.10 9.49 12.92
C ARG B 42 -10.82 8.04 12.52
N PHE B 43 -9.55 7.67 12.44
CA PHE B 43 -9.18 6.32 12.07
C PHE B 43 -9.71 5.31 13.08
N PRO B 44 -10.18 4.17 12.59
CA PRO B 44 -10.71 3.10 13.45
C PRO B 44 -9.62 2.37 14.22
N GLN B 45 -8.92 3.07 15.10
CA GLN B 45 -7.80 2.48 15.79
C GLN B 45 -8.12 1.10 16.41
N GLU B 46 -9.37 0.96 16.89
CA GLU B 46 -9.78 -0.22 17.67
C GLU B 46 -9.34 -1.50 16.96
N MET B 47 -9.22 -1.43 15.63
CA MET B 47 -8.70 -2.54 14.86
C MET B 47 -7.17 -2.52 14.89
N VAL B 48 -6.60 -3.51 15.60
CA VAL B 48 -5.18 -3.60 15.94
C VAL B 48 -4.87 -2.69 17.16
N GLN B 54 -7.08 -13.07 16.27
CA GLN B 54 -7.87 -13.26 15.06
C GLN B 54 -7.00 -13.08 13.83
N LYS B 55 -6.32 -14.14 13.41
CA LYS B 55 -5.45 -14.08 12.24
C LYS B 55 -6.16 -13.77 10.93
N ALA B 56 -7.33 -14.36 10.70
CA ALA B 56 -8.06 -14.13 9.46
C ALA B 56 -8.47 -12.68 9.29
N HIS B 57 -8.91 -12.06 10.38
CA HIS B 57 -9.34 -10.68 10.35
C HIS B 57 -8.11 -9.87 10.03
N VAL B 58 -7.08 -10.08 10.83
CA VAL B 58 -5.81 -9.40 10.68
C VAL B 58 -5.43 -9.30 9.21
N MET B 59 -5.68 -10.34 8.43
CA MET B 59 -5.31 -10.26 7.01
C MET B 59 -6.30 -9.42 6.18
N SER B 60 -7.59 -9.59 6.43
CA SER B 60 -8.64 -8.88 5.73
C SER B 60 -8.50 -7.37 5.91
N VAL B 61 -8.22 -6.96 7.13
CA VAL B 61 -8.09 -5.55 7.45
C VAL B 61 -6.92 -4.97 6.72
N LEU B 62 -5.87 -5.75 6.65
CA LEU B 62 -4.64 -5.36 6.00
C LEU B 62 -4.88 -5.26 4.50
N HIS B 63 -5.37 -6.34 3.92
CA HIS B 63 -5.59 -6.36 2.50
C HIS B 63 -6.63 -5.31 2.29
N GLU B 64 -7.55 -5.18 3.24
CA GLU B 64 -8.57 -4.17 3.08
C GLU B 64 -7.88 -2.82 2.88
N MET B 65 -7.00 -2.48 3.81
CA MET B 65 -6.28 -1.22 3.69
C MET B 65 -5.34 -0.89 2.55
N LEU B 66 -4.49 -1.83 2.17
CA LEU B 66 -3.55 -1.57 1.08
C LEU B 66 -4.25 -1.31 -0.22
N GLN B 67 -5.26 -2.10 -0.52
CA GLN B 67 -5.93 -1.92 -1.80
C GLN B 67 -6.47 -0.51 -1.89
N GLN B 68 -6.90 -0.02 -0.75
CA GLN B 68 -7.50 1.31 -0.64
C GLN B 68 -6.41 2.37 -0.83
N ILE B 69 -5.29 2.17 -0.14
CA ILE B 69 -4.10 2.98 -0.28
C ILE B 69 -3.67 2.94 -1.72
N PHE B 70 -3.70 1.75 -2.30
CA PHE B 70 -3.46 1.62 -3.72
C PHE B 70 -4.43 2.51 -4.46
N SER B 71 -5.72 2.21 -4.35
CA SER B 71 -6.78 2.93 -5.08
C SER B 71 -6.64 4.43 -4.99
N LEU B 72 -6.21 4.93 -3.82
CA LEU B 72 -6.15 6.37 -3.53
C LEU B 72 -4.94 7.04 -4.16
N PHE B 73 -3.86 6.29 -4.31
CA PHE B 73 -2.64 6.83 -4.90
C PHE B 73 -2.47 6.49 -6.40
N HIS B 74 -3.48 5.87 -7.01
CA HIS B 74 -3.43 5.59 -8.44
C HIS B 74 -4.18 6.64 -9.23
N THR B 75 -4.81 7.57 -8.54
CA THR B 75 -5.61 8.60 -9.19
C THR B 75 -4.96 9.51 -10.19
N GLU B 76 -5.74 9.96 -11.14
CA GLU B 76 -5.23 10.86 -12.14
C GLU B 76 -4.56 11.98 -11.34
N ARG B 77 -5.32 12.48 -10.37
CA ARG B 77 -4.82 13.49 -9.47
C ARG B 77 -3.58 13.17 -8.65
N SER B 78 -3.48 11.95 -8.15
CA SER B 78 -2.31 11.60 -7.36
C SER B 78 -1.11 11.74 -8.24
N SER B 79 -1.24 11.24 -9.45
CA SER B 79 -0.16 11.36 -10.44
C SER B 79 0.25 12.80 -10.72
N ALA B 80 -0.53 13.77 -10.23
CA ALA B 80 -0.20 15.15 -10.47
C ALA B 80 0.31 15.88 -9.24
N ALA B 81 0.43 15.17 -8.13
CA ALA B 81 0.95 15.80 -6.91
C ALA B 81 2.06 15.01 -6.23
N TRP B 82 2.68 14.12 -6.99
CA TRP B 82 3.72 13.22 -6.49
C TRP B 82 4.63 12.92 -7.71
N GLN B 83 5.92 12.87 -7.46
CA GLN B 83 6.88 12.56 -8.50
C GLN B 83 6.55 11.18 -9.02
N MET B 84 6.54 10.98 -10.33
CA MET B 84 6.13 9.64 -10.79
C MET B 84 6.95 8.38 -10.44
N THR B 85 8.26 8.55 -10.28
CA THR B 85 9.13 7.45 -9.86
C THR B 85 8.63 6.78 -8.58
N LEU B 86 8.50 7.59 -7.54
CA LEU B 86 8.06 7.09 -6.24
C LEU B 86 6.61 6.62 -6.30
N LEU B 87 5.83 7.06 -7.26
CA LEU B 87 4.50 6.48 -7.37
C LEU B 87 4.65 5.03 -7.83
N ASP B 88 5.37 4.80 -8.91
CA ASP B 88 5.49 3.47 -9.44
C ASP B 88 6.02 2.45 -8.46
N GLN B 89 6.97 2.83 -7.63
CA GLN B 89 7.49 1.85 -6.70
C GLN B 89 6.53 1.70 -5.55
N LEU B 90 5.84 2.78 -5.20
CA LEU B 90 4.81 2.67 -4.19
C LEU B 90 3.81 1.62 -4.66
N HIS B 91 3.32 1.83 -5.88
CA HIS B 91 2.40 0.92 -6.55
C HIS B 91 2.91 -0.51 -6.79
N THR B 92 4.20 -0.65 -7.05
CA THR B 92 4.75 -1.98 -7.27
C THR B 92 4.78 -2.79 -5.99
N GLY B 93 5.12 -2.13 -4.89
CA GLY B 93 5.23 -2.81 -3.60
C GLY B 93 3.90 -2.92 -2.87
N LEU B 94 2.89 -2.25 -3.40
CA LEU B 94 1.55 -2.33 -2.82
C LEU B 94 0.87 -3.51 -3.49
N HIS B 95 1.13 -3.68 -4.78
CA HIS B 95 0.59 -4.79 -5.55
C HIS B 95 1.15 -6.14 -5.12
N GLN B 96 2.46 -6.19 -4.90
CA GLN B 96 3.16 -7.38 -4.49
C GLN B 96 2.77 -7.82 -3.09
N GLN B 97 2.46 -6.86 -2.23
CA GLN B 97 1.95 -7.17 -0.90
C GLN B 97 0.53 -7.67 -1.02
N LEU B 98 -0.28 -6.95 -1.79
CA LEU B 98 -1.68 -7.35 -1.96
C LEU B 98 -1.73 -8.73 -2.56
N GLN B 99 -0.98 -8.93 -3.63
CA GLN B 99 -1.04 -10.16 -4.41
C GLN B 99 -0.84 -11.48 -3.72
N HIS B 100 0.15 -11.57 -2.86
CA HIS B 100 0.39 -12.81 -2.13
C HIS B 100 -0.26 -12.83 -0.76
N LEU B 101 -0.87 -11.71 -0.39
CA LEU B 101 -1.77 -11.70 0.75
C LEU B 101 -3.08 -12.27 0.22
N GLU B 102 -3.65 -11.64 -0.79
CA GLU B 102 -4.89 -12.18 -1.37
C GLU B 102 -4.78 -13.63 -1.86
N THR B 103 -3.56 -14.13 -1.98
CA THR B 103 -3.39 -15.50 -2.42
C THR B 103 -3.97 -16.41 -1.37
N CYS B 104 -4.20 -15.82 -0.20
CA CYS B 104 -4.84 -16.52 0.90
C CYS B 104 -6.35 -16.31 0.81
N LEU B 105 -6.96 -16.90 -0.21
CA LEU B 105 -8.38 -16.79 -0.47
C LEU B 105 -8.91 -18.22 -0.31
N LEU B 106 -8.15 -19.03 0.40
CA LEU B 106 -8.51 -20.41 0.66
C LEU B 106 -9.24 -20.62 1.98
N GLN B 107 -10.33 -21.36 1.93
CA GLN B 107 -11.12 -21.64 3.13
C GLN B 107 -11.88 -22.96 3.03
N SER B 120 -19.77 -3.13 10.16
CA SER B 120 -18.65 -2.38 10.74
C SER B 120 -17.30 -2.79 10.08
N PRO B 121 -16.88 -4.08 10.23
CA PRO B 121 -15.57 -4.66 9.88
C PRO B 121 -14.72 -3.97 8.79
N ALA B 122 -14.81 -4.44 7.55
CA ALA B 122 -14.08 -3.84 6.44
C ALA B 122 -14.73 -2.53 5.98
N LEU B 123 -15.90 -2.28 6.53
CA LEU B 123 -16.78 -1.19 6.15
C LEU B 123 -16.42 0.13 6.84
N THR B 124 -16.09 0.04 8.11
CA THR B 124 -15.59 1.21 8.83
C THR B 124 -14.30 1.70 8.19
N LEU B 125 -13.39 0.76 7.91
CA LEU B 125 -12.20 1.10 7.14
C LEU B 125 -12.48 1.99 5.94
N ARG B 126 -13.47 1.60 5.13
CA ARG B 126 -13.78 2.33 3.90
C ARG B 126 -14.50 3.69 3.93
N ARG B 127 -15.33 3.86 4.94
CA ARG B 127 -16.01 5.12 5.16
C ARG B 127 -14.88 6.07 5.50
N TYR B 128 -13.92 5.50 6.24
CA TYR B 128 -12.74 6.20 6.74
C TYR B 128 -12.03 6.76 5.51
N PHE B 129 -11.71 5.86 4.58
CA PHE B 129 -11.04 6.26 3.35
C PHE B 129 -11.79 7.19 2.41
N GLN B 130 -13.11 7.20 2.50
CA GLN B 130 -13.89 8.14 1.73
C GLN B 130 -13.61 9.55 2.22
N GLY B 131 -13.50 9.66 3.53
CA GLY B 131 -13.30 10.95 4.18
C GLY B 131 -12.11 11.56 3.49
N ILE B 132 -11.05 10.78 3.42
CA ILE B 132 -9.82 11.25 2.83
C ILE B 132 -10.05 11.66 1.35
N ARG B 133 -10.80 10.86 0.61
CA ARG B 133 -11.17 11.18 -0.77
C ARG B 133 -11.91 12.49 -0.90
N VAL B 134 -12.79 12.74 0.07
CA VAL B 134 -13.62 13.93 0.07
C VAL B 134 -12.86 15.12 0.58
N TYR B 135 -12.30 14.94 1.76
CA TYR B 135 -11.52 15.97 2.41
C TYR B 135 -10.59 16.67 1.42
N LEU B 136 -10.13 15.91 0.44
CA LEU B 136 -9.28 16.47 -0.58
C LEU B 136 -10.08 17.28 -1.58
N LYS B 137 -11.15 16.66 -2.12
CA LYS B 137 -12.00 17.32 -3.09
C LYS B 137 -12.27 18.67 -2.48
N GLU B 138 -12.64 18.70 -1.19
CA GLU B 138 -12.91 19.95 -0.50
C GLU B 138 -11.73 20.89 -0.61
N LYS B 139 -10.67 20.57 0.13
CA LYS B 139 -9.49 21.41 0.15
C LYS B 139 -8.92 21.62 -1.25
N LYS B 140 -9.61 21.07 -2.26
CA LYS B 140 -9.31 21.30 -3.68
C LYS B 140 -7.92 20.82 -4.12
N TYR B 141 -7.64 19.54 -3.93
CA TYR B 141 -6.39 18.95 -4.38
C TYR B 141 -5.24 19.92 -4.24
N SER B 142 -5.06 20.43 -3.05
CA SER B 142 -3.99 21.39 -2.81
C SER B 142 -2.73 20.69 -2.39
N ASP B 143 -1.63 21.42 -2.37
CA ASP B 143 -0.36 20.87 -1.94
C ASP B 143 -0.43 20.39 -0.51
N CYS B 144 -0.79 21.30 0.38
CA CYS B 144 -0.94 20.93 1.77
C CYS B 144 -1.97 19.82 1.96
N ALA B 145 -3.10 19.93 1.29
CA ALA B 145 -4.10 18.89 1.40
C ALA B 145 -3.45 17.54 1.10
N TRP B 146 -2.60 17.48 0.08
CA TRP B 146 -1.94 16.23 -0.29
C TRP B 146 -0.98 15.74 0.81
N GLU B 147 -0.18 16.64 1.39
CA GLU B 147 0.70 16.23 2.50
C GLU B 147 -0.12 15.58 3.61
N VAL B 148 -1.07 16.35 4.15
CA VAL B 148 -1.97 15.91 5.20
C VAL B 148 -2.40 14.46 4.99
N VAL B 149 -2.80 14.15 3.77
CA VAL B 149 -3.19 12.78 3.44
C VAL B 149 -2.02 11.80 3.59
N ARG B 150 -1.02 11.93 2.72
CA ARG B 150 0.17 11.11 2.81
C ARG B 150 0.54 10.89 4.26
N MET B 151 0.80 11.97 4.96
CA MET B 151 1.14 11.88 6.37
C MET B 151 0.11 11.05 7.13
N GLU B 152 -1.16 11.40 6.99
CA GLU B 152 -2.24 10.67 7.64
C GLU B 152 -2.13 9.20 7.30
N ILE B 153 -2.17 8.89 6.02
CA ILE B 153 -1.97 7.52 5.58
C ILE B 153 -0.81 6.86 6.34
N MET B 154 0.35 7.54 6.42
CA MET B 154 1.51 6.99 7.12
C MET B 154 1.24 6.57 8.56
N LYS B 155 0.55 7.42 9.33
CA LYS B 155 0.14 7.06 10.68
C LYS B 155 -0.60 5.74 10.65
N SER B 156 -1.78 5.77 10.04
CA SER B 156 -2.67 4.64 9.95
C SER B 156 -1.94 3.39 9.55
N LEU B 157 -0.94 3.55 8.69
CA LEU B 157 -0.19 2.40 8.18
C LEU B 157 0.66 1.86 9.30
N PHE B 158 1.38 2.76 9.97
CA PHE B 158 2.15 2.41 11.16
C PHE B 158 1.32 1.55 12.10
N LEU B 159 0.25 2.13 12.62
CA LEU B 159 -0.72 1.40 13.40
C LEU B 159 -1.02 0.05 12.78
N SER B 160 -1.40 0.05 11.51
CA SER B 160 -1.65 -1.18 10.79
C SER B 160 -0.47 -2.13 11.02
N THR B 161 0.72 -1.58 10.82
CA THR B 161 1.97 -2.34 10.82
C THR B 161 2.38 -2.91 12.21
N ASN B 162 1.58 -2.65 13.25
CA ASN B 162 1.79 -3.38 14.51
C ASN B 162 1.02 -4.73 14.48
N MET B 163 0.96 -5.32 13.28
CA MET B 163 0.39 -6.65 13.08
C MET B 163 1.35 -7.61 12.35
N GLN B 164 2.08 -8.40 13.14
CA GLN B 164 2.99 -9.45 12.64
C GLN B 164 2.72 -10.80 13.32
N ASP C 3 21.66 30.69 2.35
CA ASP C 3 20.54 30.88 3.25
C ASP C 3 20.91 30.36 4.62
N GLU C 4 19.92 30.19 5.50
CA GLU C 4 20.18 29.70 6.84
C GLU C 4 19.40 28.41 7.06
N SER C 5 20.08 27.35 7.47
CA SER C 5 19.41 26.08 7.70
C SER C 5 19.73 25.37 9.01
N CYS C 6 18.72 24.97 9.75
CA CYS C 6 18.89 24.22 10.99
C CYS C 6 18.77 22.76 10.62
N THR C 7 19.56 21.89 11.25
CA THR C 7 19.47 20.46 10.93
C THR C 7 19.45 19.57 12.20
N PHE C 8 18.56 18.57 12.23
CA PHE C 8 18.25 17.88 13.49
C PHE C 8 18.62 16.44 13.59
N LYS C 9 19.25 16.05 14.69
CA LYS C 9 19.42 14.63 15.01
C LYS C 9 18.55 14.14 16.17
N ILE C 10 17.70 13.14 15.93
CA ILE C 10 16.86 12.52 16.98
C ILE C 10 17.25 11.07 17.30
N SER C 11 17.92 10.86 18.42
CA SER C 11 18.35 9.52 18.78
C SER C 11 18.00 9.13 20.19
N LEU C 12 18.00 7.84 20.45
CA LEU C 12 17.69 7.36 21.78
C LEU C 12 18.98 7.04 22.49
N ARG C 13 19.30 7.80 23.53
CA ARG C 13 20.53 7.56 24.27
C ARG C 13 20.27 7.26 25.73
N ASN C 14 20.74 6.12 26.19
CA ASN C 14 20.55 5.72 27.56
C ASN C 14 19.06 5.63 27.76
N PHE C 15 18.37 5.38 26.67
CA PHE C 15 16.92 5.26 26.70
C PHE C 15 16.17 6.58 26.84
N ARG C 16 16.87 7.67 26.59
CA ARG C 16 16.26 8.98 26.68
C ARG C 16 16.25 9.51 25.25
N SER C 17 15.08 9.87 24.74
CA SER C 17 15.02 10.38 23.39
C SER C 17 15.73 11.71 23.41
N ILE C 18 16.44 12.07 22.35
CA ILE C 18 17.12 13.34 22.37
C ILE C 18 17.18 14.03 21.03
N LEU C 19 16.39 15.10 20.91
CA LEU C 19 16.42 15.96 19.74
C LEU C 19 17.54 16.97 19.86
N SER C 20 18.56 16.85 19.02
CA SER C 20 19.60 17.85 18.99
C SER C 20 19.44 18.65 17.72
N TRP C 21 20.32 19.62 17.49
CA TRP C 21 20.26 20.44 16.27
C TRP C 21 21.51 21.28 16.06
N GLU C 22 21.83 21.52 14.81
CA GLU C 22 22.99 22.31 14.54
C GLU C 22 22.60 23.41 13.61
N LEU C 23 23.39 24.49 13.54
CA LEU C 23 23.11 25.61 12.62
C LEU C 23 24.22 25.74 11.58
N LYS C 24 23.84 26.03 10.34
CA LYS C 24 24.77 26.11 9.24
C LYS C 24 24.47 27.40 8.53
N ASN C 25 25.52 28.17 8.26
CA ASN C 25 25.40 29.46 7.59
C ASN C 25 24.52 30.44 8.37
N HIS C 26 24.84 30.59 9.66
CA HIS C 26 24.23 31.63 10.49
C HIS C 26 25.33 32.54 10.99
N SER C 27 25.28 33.81 10.55
CA SER C 27 26.23 34.84 10.97
C SER C 27 26.09 35.14 12.45
N ILE C 28 24.90 35.54 12.85
CA ILE C 28 24.59 35.79 14.24
C ILE C 28 23.96 34.54 14.82
N VAL C 29 24.71 33.77 15.58
CA VAL C 29 24.14 32.57 16.19
C VAL C 29 23.44 32.98 17.48
N PRO C 30 22.24 32.43 17.72
CA PRO C 30 21.48 32.88 18.89
C PRO C 30 22.20 32.52 20.17
N THR C 31 21.50 32.70 21.29
CA THR C 31 22.08 32.47 22.60
C THR C 31 21.17 31.52 23.36
N HIS C 32 19.87 31.73 23.19
CA HIS C 32 18.82 30.87 23.75
C HIS C 32 17.88 30.32 22.69
N TYR C 33 17.49 29.06 22.81
CA TYR C 33 16.49 28.49 21.90
C TYR C 33 15.24 28.01 22.63
N THR C 34 14.10 28.11 21.96
CA THR C 34 12.90 27.47 22.49
C THR C 34 12.35 26.48 21.47
N LEU C 35 11.70 25.44 21.96
CA LEU C 35 11.27 24.37 21.09
C LEU C 35 9.78 24.14 21.19
N LEU C 36 9.12 24.12 20.04
CA LEU C 36 7.73 23.73 20.00
C LEU C 36 7.53 22.53 19.09
N TYR C 37 6.49 21.75 19.39
CA TYR C 37 6.18 20.59 18.58
C TYR C 37 4.70 20.34 18.66
N THR C 38 4.11 19.92 17.55
CA THR C 38 2.72 19.48 17.55
C THR C 38 2.64 18.18 16.75
N ILE C 39 1.43 17.76 16.40
CA ILE C 39 1.28 16.62 15.52
C ILE C 39 0.23 16.88 14.44
N MET C 40 0.07 15.92 13.53
CA MET C 40 -0.74 16.14 12.36
C MET C 40 -2.07 15.41 12.42
N SER C 41 -2.11 14.35 13.23
CA SER C 41 -3.30 13.51 13.37
C SER C 41 -4.53 14.35 13.75
N LYS C 42 -4.47 15.04 14.88
CA LYS C 42 -5.55 15.94 15.26
C LYS C 42 -4.99 17.34 15.26
N PRO C 43 -5.77 18.35 14.95
CA PRO C 43 -5.24 19.68 14.79
C PRO C 43 -5.06 20.47 16.07
N GLU C 44 -4.03 20.17 16.81
CA GLU C 44 -3.75 20.87 18.04
C GLU C 44 -2.87 22.07 17.74
N ASP C 45 -2.40 22.74 18.79
CA ASP C 45 -1.54 23.89 18.69
C ASP C 45 -0.22 23.54 19.34
N LEU C 46 0.87 24.08 18.86
CA LEU C 46 2.18 23.79 19.45
C LEU C 46 2.21 23.86 20.97
N LYS C 47 2.53 22.73 21.61
CA LYS C 47 2.97 22.77 23.01
C LYS C 47 4.36 23.38 23.00
N VAL C 48 4.82 23.86 24.15
CA VAL C 48 6.19 24.34 24.24
C VAL C 48 6.98 23.51 25.21
N VAL C 49 7.91 22.70 24.73
CA VAL C 49 8.65 21.90 25.68
C VAL C 49 9.28 22.76 26.77
N LYS C 50 8.90 22.45 28.00
CA LYS C 50 9.39 23.15 29.18
C LYS C 50 10.85 22.83 29.43
N ASN C 51 11.25 21.59 29.21
CA ASN C 51 12.65 21.25 29.43
C ASN C 51 13.54 22.26 28.72
N CYS C 52 13.20 22.39 27.45
CA CYS C 52 13.90 23.14 26.43
C CYS C 52 13.43 24.59 26.12
N ALA C 53 12.64 25.27 26.96
CA ALA C 53 12.24 26.64 26.68
C ALA C 53 13.47 27.45 27.14
N ASN C 54 13.90 28.42 26.35
CA ASN C 54 15.03 29.25 26.76
C ASN C 54 16.23 28.48 27.26
N THR C 55 16.72 27.53 26.47
CA THR C 55 17.89 26.76 26.87
C THR C 55 19.09 27.30 26.10
N THR C 56 20.26 27.28 26.72
CA THR C 56 21.50 27.69 26.08
C THR C 56 22.06 26.50 25.30
N ARG C 57 21.88 25.33 25.89
CA ARG C 57 22.32 24.09 25.26
C ARG C 57 21.64 23.96 23.89
N SER C 58 22.34 23.33 22.95
CA SER C 58 21.85 23.17 21.60
C SER C 58 21.13 21.84 21.40
N PHE C 59 20.23 21.49 22.33
CA PHE C 59 19.50 20.23 22.23
C PHE C 59 18.35 20.06 23.20
N CYS C 60 17.52 19.04 23.05
CA CYS C 60 16.41 18.80 23.97
C CYS C 60 16.18 17.34 24.31
N ASP C 61 15.46 17.09 25.40
CA ASP C 61 15.17 15.77 25.96
C ASP C 61 13.66 15.51 25.89
N LEU C 62 13.23 14.86 24.81
CA LEU C 62 11.82 14.72 24.50
C LEU C 62 11.20 13.43 24.98
N THR C 63 11.85 12.78 25.94
CA THR C 63 11.49 11.40 26.26
C THR C 63 10.10 11.30 26.85
N ASP C 64 9.53 12.43 27.23
CA ASP C 64 8.24 12.43 27.90
C ASP C 64 7.13 13.06 27.08
N GLU C 65 7.51 13.74 26.00
CA GLU C 65 6.55 14.45 25.15
C GLU C 65 6.20 13.63 23.90
N TRP C 66 7.17 12.85 23.46
CA TRP C 66 7.09 12.07 22.23
C TRP C 66 7.15 10.59 22.54
N ARG C 67 6.02 10.03 22.93
CA ARG C 67 5.97 8.62 23.32
C ARG C 67 5.41 7.71 22.23
N SER C 68 4.84 8.31 21.19
CA SER C 68 4.20 7.54 20.14
C SER C 68 5.08 7.35 18.92
N THR C 69 5.24 6.09 18.52
CA THR C 69 5.99 5.74 17.33
C THR C 69 5.20 6.06 16.05
N HIS C 70 3.87 5.93 16.17
CA HIS C 70 2.99 5.92 15.01
C HIS C 70 2.43 7.29 14.67
N GLU C 71 2.94 8.34 15.30
CA GLU C 71 2.52 9.71 14.96
C GLU C 71 3.66 10.49 14.31
N ALA C 72 3.32 11.58 13.62
CA ALA C 72 4.33 12.44 13.00
C ALA C 72 4.44 13.78 13.71
N TYR C 73 5.57 14.01 14.38
CA TYR C 73 5.81 15.21 15.19
C TYR C 73 6.41 16.36 14.40
N VAL C 74 5.64 17.40 14.16
CA VAL C 74 6.20 18.58 13.48
C VAL C 74 6.65 19.62 14.52
N THR C 75 7.86 20.14 14.37
CA THR C 75 8.47 20.96 15.43
C THR C 75 9.03 22.27 14.90
N VAL C 76 8.93 23.31 15.72
CA VAL C 76 9.48 24.62 15.40
C VAL C 76 10.53 24.95 16.40
N LEU C 77 11.74 25.22 15.93
CA LEU C 77 12.78 25.66 16.82
C LEU C 77 12.83 27.14 16.59
N GLU C 78 13.01 27.92 17.65
CA GLU C 78 13.33 29.32 17.47
C GLU C 78 14.47 29.69 18.41
N GLY C 79 15.35 30.57 17.96
CA GLY C 79 16.49 31.03 18.75
C GLY C 79 16.49 32.54 18.89
N PHE C 80 16.67 33.05 20.11
CA PHE C 80 16.66 34.49 20.39
C PHE C 80 18.07 34.92 20.84
N SER C 81 18.63 35.99 20.28
CA SER C 81 19.96 36.42 20.71
C SER C 81 19.83 37.90 21.02
N GLY C 82 19.27 38.25 22.17
CA GLY C 82 19.01 39.64 22.50
C GLY C 82 17.54 39.88 22.70
N ASN C 83 17.11 41.14 22.65
CA ASN C 83 15.68 41.36 22.77
C ASN C 83 15.07 41.02 21.43
N THR C 84 15.47 39.85 20.93
CA THR C 84 15.06 39.43 19.61
C THR C 84 14.84 37.96 19.26
N THR C 85 13.93 37.74 18.32
CA THR C 85 13.73 36.41 17.70
C THR C 85 14.52 36.31 16.39
N LEU C 86 15.61 35.58 16.41
CA LEU C 86 16.57 35.57 15.29
C LEU C 86 16.04 34.86 14.03
N PHE C 87 15.35 33.74 14.26
CA PHE C 87 14.82 32.92 13.18
C PHE C 87 13.93 31.83 13.77
N SER C 88 13.22 31.16 12.88
CA SER C 88 12.38 30.07 13.30
C SER C 88 12.33 29.04 12.18
N CYS C 89 12.99 27.91 12.38
CA CYS C 89 12.90 26.82 11.43
C CYS C 89 12.00 25.68 11.90
N SER C 90 11.50 24.89 10.94
CA SER C 90 10.69 23.72 11.23
C SER C 90 11.23 22.41 10.67
N HIS C 91 10.56 21.31 11.03
CA HIS C 91 10.95 19.98 10.62
C HIS C 91 10.02 19.00 11.33
N ASN C 92 9.86 17.81 10.77
CA ASN C 92 9.08 16.78 11.44
C ASN C 92 9.85 15.49 11.53
N PHE C 93 9.36 14.57 12.32
CA PHE C 93 10.09 13.35 12.57
C PHE C 93 9.11 12.21 12.70
N TRP C 94 9.49 11.05 12.18
CA TRP C 94 8.75 9.83 12.42
C TRP C 94 9.68 8.98 13.26
N LEU C 95 9.31 8.68 14.51
CA LEU C 95 10.27 8.00 15.41
C LEU C 95 10.73 6.67 14.82
N ALA C 96 9.82 6.02 14.10
CA ALA C 96 10.04 4.71 13.52
C ALA C 96 11.05 4.75 12.41
N ILE C 97 11.34 5.96 11.93
CA ILE C 97 12.22 6.13 10.80
C ILE C 97 13.42 6.95 11.17
N ASP C 98 13.16 8.13 11.73
CA ASP C 98 14.22 9.10 11.98
C ASP C 98 15.08 8.81 13.22
N MET C 99 14.61 7.97 14.14
CA MET C 99 15.36 7.82 15.39
C MET C 99 16.45 6.79 15.31
N SER C 100 17.66 7.16 15.71
CA SER C 100 18.76 6.21 15.83
C SER C 100 18.79 5.65 17.24
N PHE C 101 19.23 4.39 17.37
CA PHE C 101 19.18 3.72 18.67
C PHE C 101 20.55 3.29 19.18
N GLU C 102 21.09 4.13 20.07
CA GLU C 102 22.41 3.91 20.63
C GLU C 102 22.43 2.66 21.48
N PRO C 103 23.58 1.96 21.50
CA PRO C 103 23.74 0.76 22.32
C PRO C 103 23.65 1.08 23.81
N PRO C 104 23.24 0.09 24.62
CA PRO C 104 23.24 0.34 26.06
C PRO C 104 24.61 0.06 26.63
N GLU C 105 24.75 0.35 27.91
CA GLU C 105 25.97 0.10 28.62
C GLU C 105 26.00 -1.37 29.06
N PHE C 106 27.17 -1.99 28.98
CA PHE C 106 27.29 -3.41 29.29
C PHE C 106 28.66 -3.74 29.84
N GLU C 107 28.72 -4.72 30.74
CA GLU C 107 29.99 -5.23 31.25
C GLU C 107 30.02 -6.74 31.01
N ILE C 108 31.21 -7.30 30.93
CA ILE C 108 31.36 -8.74 30.84
C ILE C 108 32.35 -9.21 31.87
N VAL C 109 32.17 -10.46 32.27
CA VAL C 109 32.96 -11.09 33.33
C VAL C 109 33.29 -12.53 32.98
N GLY C 110 34.58 -12.83 32.90
CA GLY C 110 35.06 -14.11 32.39
C GLY C 110 35.14 -15.23 33.39
N PHE C 111 34.69 -16.41 32.97
CA PHE C 111 34.65 -17.59 33.83
C PHE C 111 35.31 -18.78 33.17
N THR C 112 35.17 -19.96 33.76
CA THR C 112 35.75 -21.17 33.19
C THR C 112 35.00 -21.64 31.93
N ASN C 113 33.69 -21.84 32.09
CA ASN C 113 32.84 -22.46 31.05
C ASN C 113 31.86 -21.50 30.34
N HIS C 114 31.97 -20.20 30.61
CA HIS C 114 30.96 -19.25 30.14
C HIS C 114 31.36 -17.80 30.48
N ILE C 115 30.62 -16.85 29.92
CA ILE C 115 30.90 -15.44 30.12
C ILE C 115 29.66 -14.77 30.65
N ASN C 116 29.83 -13.64 31.31
CA ASN C 116 28.68 -12.95 31.88
C ASN C 116 28.42 -11.47 31.57
N VAL C 117 27.57 -11.26 30.56
CA VAL C 117 27.22 -9.93 30.11
C VAL C 117 26.12 -9.37 30.99
N MET C 118 26.41 -8.26 31.66
CA MET C 118 25.40 -7.52 32.40
C MET C 118 25.10 -6.22 31.69
N VAL C 119 23.86 -6.05 31.28
CA VAL C 119 23.48 -4.93 30.44
C VAL C 119 22.73 -3.89 31.27
N LYS C 120 23.39 -2.79 31.60
CA LYS C 120 22.86 -1.80 32.53
C LYS C 120 21.79 -0.91 31.92
N PHE C 121 20.56 -1.41 31.89
CA PHE C 121 19.42 -0.57 31.58
C PHE C 121 19.12 0.38 32.75
N PRO C 122 18.03 1.14 32.64
CA PRO C 122 17.52 1.90 33.77
C PRO C 122 16.22 1.25 34.29
N SER C 123 15.72 1.76 35.40
CA SER C 123 14.50 1.23 36.02
C SER C 123 13.36 2.24 35.86
N ILE C 124 12.48 2.02 34.89
CA ILE C 124 11.31 2.90 34.67
C ILE C 124 10.45 2.40 33.51
N LEU C 129 7.51 3.98 28.51
CA LEU C 129 7.32 3.80 27.08
C LEU C 129 8.34 2.80 26.53
N GLN C 130 8.09 2.34 25.30
CA GLN C 130 8.98 1.40 24.63
C GLN C 130 8.63 1.21 23.16
N PHE C 131 9.59 0.65 22.43
CA PHE C 131 9.54 0.48 20.99
C PHE C 131 9.65 -1.00 20.65
N ASP C 132 9.55 -1.37 19.37
CA ASP C 132 9.74 -2.77 19.00
C ASP C 132 11.21 -2.98 18.65
N LEU C 133 12.06 -3.01 19.69
CA LEU C 133 13.51 -3.21 19.56
C LEU C 133 13.89 -4.60 20.05
N SER C 134 15.02 -5.12 19.58
CA SER C 134 15.52 -6.43 20.01
C SER C 134 16.99 -6.39 20.47
N LEU C 135 17.26 -6.76 21.73
CA LEU C 135 18.63 -6.73 22.25
C LEU C 135 19.56 -7.81 21.69
N VAL C 136 20.58 -7.42 20.93
CA VAL C 136 21.58 -8.37 20.47
C VAL C 136 22.84 -8.37 21.34
N ILE C 137 23.33 -9.56 21.69
CA ILE C 137 24.65 -9.69 22.29
C ILE C 137 25.49 -10.52 21.36
N GLU C 138 26.65 -10.01 20.97
CA GLU C 138 27.37 -10.62 19.88
C GLU C 138 28.65 -11.21 20.42
N GLU C 139 28.85 -12.51 20.24
CA GLU C 139 30.01 -13.16 20.82
C GLU C 139 31.03 -13.54 19.76
N GLN C 140 32.16 -12.83 19.77
CA GLN C 140 33.19 -13.04 18.76
C GLN C 140 34.33 -13.87 19.34
N SER C 141 34.68 -14.95 18.64
CA SER C 141 35.79 -15.85 18.96
C SER C 141 36.73 -15.77 17.76
N GLU C 142 37.50 -16.83 17.50
CA GLU C 142 38.39 -16.83 16.32
C GLU C 142 37.55 -17.05 15.07
N GLY C 143 37.51 -16.02 14.22
CA GLY C 143 36.68 -16.05 13.02
C GLY C 143 35.18 -16.09 13.24
N ILE C 144 34.79 -16.50 14.45
CA ILE C 144 33.39 -16.79 14.80
C ILE C 144 32.66 -15.61 15.44
N VAL C 145 31.32 -15.66 15.39
CA VAL C 145 30.49 -14.53 15.78
C VAL C 145 29.04 -14.91 16.07
N LYS C 146 28.80 -15.71 17.11
CA LYS C 146 27.43 -16.10 17.47
C LYS C 146 26.60 -14.90 17.98
N LYS C 147 25.58 -14.49 17.23
CA LYS C 147 24.68 -13.44 17.69
C LYS C 147 23.66 -13.99 18.67
N HIS C 148 23.51 -13.33 19.82
CA HIS C 148 22.61 -13.79 20.89
C HIS C 148 21.57 -12.69 21.04
N LYS C 149 20.32 -13.10 20.98
CA LYS C 149 19.25 -12.16 21.22
C LYS C 149 18.51 -12.83 22.32
N PRO C 150 18.50 -12.20 23.48
CA PRO C 150 17.77 -12.64 24.67
C PRO C 150 16.32 -12.21 24.63
N GLU C 151 15.48 -12.65 25.56
CA GLU C 151 14.05 -12.29 25.57
C GLU C 151 13.60 -11.15 26.51
N ILE C 152 12.51 -10.48 26.14
CA ILE C 152 11.92 -9.44 27.01
C ILE C 152 11.34 -10.04 28.30
N MET C 156 13.60 -4.48 30.12
CA MET C 156 14.37 -3.33 30.59
C MET C 156 14.22 -3.21 32.10
N SER C 157 15.13 -3.84 32.84
CA SER C 157 15.06 -3.82 34.29
C SER C 157 16.37 -3.47 34.99
N GLY C 158 16.76 -2.20 34.94
CA GLY C 158 17.99 -1.82 35.61
C GLY C 158 19.03 -2.75 35.07
N ASN C 159 19.83 -3.36 35.94
CA ASN C 159 20.80 -4.31 35.47
C ASN C 159 20.10 -5.52 34.90
N PHE C 160 20.61 -6.03 33.79
CA PHE C 160 20.07 -7.21 33.15
C PHE C 160 21.18 -8.18 32.83
N THR C 161 21.00 -9.46 33.15
CA THR C 161 22.09 -10.39 32.89
C THR C 161 21.71 -11.52 31.92
N TYR C 162 22.36 -11.55 30.77
CA TYR C 162 22.28 -12.72 29.89
C TYR C 162 23.56 -13.53 30.04
N ILE C 163 23.41 -14.85 30.06
CA ILE C 163 24.57 -15.71 30.29
C ILE C 163 24.99 -16.43 29.04
N ILE C 164 26.15 -16.03 28.53
CA ILE C 164 26.72 -16.70 27.38
C ILE C 164 27.31 -18.00 27.86
N ASP C 165 26.82 -19.11 27.29
CA ASP C 165 27.07 -20.44 27.83
C ASP C 165 27.79 -21.39 26.86
N LYS C 166 28.18 -22.55 27.40
CA LYS C 166 28.83 -23.60 26.62
C LYS C 166 30.15 -23.14 26.00
N LEU C 167 30.88 -22.28 26.71
CA LEU C 167 32.12 -21.69 26.19
C LEU C 167 33.40 -22.44 26.55
N ILE C 168 34.35 -22.40 25.62
CA ILE C 168 35.67 -23.04 25.82
C ILE C 168 36.77 -22.26 26.59
N PRO C 169 37.22 -22.84 27.68
CA PRO C 169 38.17 -22.17 28.56
C PRO C 169 39.54 -22.01 27.95
N ASN C 170 40.20 -20.95 28.40
CA ASN C 170 41.49 -20.54 27.92
C ASN C 170 41.37 -20.11 26.50
N THR C 171 40.13 -19.89 26.10
CA THR C 171 39.85 -19.31 24.82
C THR C 171 39.51 -17.86 25.09
N ASN C 172 39.69 -17.03 24.07
CA ASN C 172 39.43 -15.60 24.14
C ASN C 172 38.13 -15.13 23.46
N TYR C 173 37.40 -14.24 24.13
CA TYR C 173 36.09 -13.82 23.63
C TYR C 173 35.95 -12.31 23.57
N CYS C 174 35.08 -11.84 22.67
CA CYS C 174 34.87 -10.40 22.51
C CYS C 174 33.39 -10.17 22.46
N VAL C 175 32.88 -9.33 23.35
CA VAL C 175 31.44 -9.07 23.38
C VAL C 175 31.03 -7.72 22.80
N SER C 176 30.05 -7.74 21.91
CA SER C 176 29.45 -6.53 21.44
C SER C 176 27.96 -6.56 21.71
N VAL C 177 27.40 -5.40 22.00
CA VAL C 177 26.00 -5.28 22.38
C VAL C 177 25.39 -4.23 21.50
N TYR C 178 24.10 -4.35 21.18
CA TYR C 178 23.40 -3.33 20.40
C TYR C 178 21.90 -3.60 20.16
N LEU C 179 21.12 -2.53 20.07
CA LEU C 179 19.70 -2.66 19.84
C LEU C 179 19.44 -2.44 18.36
N GLU C 180 18.56 -3.24 17.79
CA GLU C 180 18.24 -3.07 16.38
C GLU C 180 16.74 -2.94 16.18
N HIS C 181 16.31 -1.74 15.79
CA HIS C 181 14.92 -1.46 15.53
C HIS C 181 14.35 -2.25 14.35
N SER C 182 15.15 -2.33 13.28
CA SER C 182 14.78 -3.05 12.07
C SER C 182 15.91 -3.67 11.27
N ASP C 183 15.60 -4.64 10.43
CA ASP C 183 16.61 -5.24 9.58
C ASP C 183 17.27 -4.19 8.63
N GLU C 184 16.37 -3.55 7.93
CA GLU C 184 16.69 -2.49 6.96
C GLU C 184 17.57 -1.31 7.36
N GLN C 185 17.15 -0.64 8.40
CA GLN C 185 17.91 0.46 8.95
C GLN C 185 19.16 -0.14 9.59
N ALA C 186 20.31 0.44 9.32
CA ALA C 186 21.56 0.00 9.94
C ALA C 186 21.51 -0.06 11.47
N VAL C 187 22.57 -0.55 12.11
CA VAL C 187 22.56 -0.66 13.57
C VAL C 187 23.86 -0.16 14.20
N ILE C 188 23.78 0.49 15.35
CA ILE C 188 24.97 0.98 15.99
C ILE C 188 25.47 -0.10 16.94
N LYS C 189 26.75 -0.43 16.84
CA LYS C 189 27.32 -1.45 17.69
C LYS C 189 28.15 -0.93 18.85
N SER C 190 28.00 -1.58 19.98
CA SER C 190 28.70 -1.23 21.19
C SER C 190 30.18 -1.43 20.98
N PRO C 191 30.98 -0.63 21.66
CA PRO C 191 32.42 -0.71 21.56
C PRO C 191 32.77 -2.07 22.06
N LEU C 192 33.82 -2.66 21.51
CA LEU C 192 34.25 -3.99 21.91
C LEU C 192 34.89 -4.13 23.28
N LYS C 193 34.48 -5.17 23.99
CA LYS C 193 35.01 -5.50 25.31
C LYS C 193 35.41 -6.97 25.32
N CYS C 194 36.67 -7.23 25.66
CA CYS C 194 37.21 -8.58 25.52
C CYS C 194 37.84 -9.12 26.79
N THR C 195 37.54 -10.39 27.07
CA THR C 195 38.12 -11.10 28.20
C THR C 195 38.58 -12.49 27.80
N LEU C 196 39.25 -13.15 28.73
CA LEU C 196 39.85 -14.48 28.54
C LEU C 196 39.38 -15.45 29.63
N LEU C 197 38.90 -16.62 29.21
CA LEU C 197 38.28 -17.53 30.17
C LEU C 197 39.30 -18.31 31.00
N PRO C 198 39.11 -18.30 32.33
CA PRO C 198 39.84 -19.18 33.25
C PRO C 198 39.76 -20.64 32.82
N PRO C 199 40.90 -21.36 32.88
CA PRO C 199 41.15 -22.76 32.48
C PRO C 199 40.53 -23.85 33.39
#